data_4AUX
#
_entry.id   4AUX
#
_cell.length_a   69.100
_cell.length_b   69.100
_cell.length_c   182.930
_cell.angle_alpha   90.00
_cell.angle_beta   90.00
_cell.angle_gamma   90.00
#
_symmetry.space_group_name_H-M   'I 41 2 2'
#
loop_
_entity.id
_entity.type
_entity.pdbx_description
1 polymer 'TETRACYCLINE REPRESSOR PROTEIN CLASS D'
2 non-polymer (4S,4aS,5aR,12aS)-4-(dimethylamino)-3,10,12,12a-tetrahydroxy-9-nitro-1,11-dioxo-1,4,4a,5,5a,6,11,12a-octahydrotetracene-2-carboxamide
3 non-polymer 'MAGNESIUM ION'
4 non-polymer 'CHLORIDE ION'
5 water water
#
_entity_poly.entity_id   1
_entity_poly.type   'polypeptide(L)'
_entity_poly.pdbx_seq_one_letter_code
;ARLNRESVIDAALELLNETGIDGLTTRKLAQKLGIEQPTLYWHVKNKRALLDALAVEILARHHDYSLPAAGESWQSFLRN
NAMSFRRALLRYRDGAKVHLGTRPDEKQYDTVETQLRFMTENGFSLRDGLYAISAVSHFTLGAVLEQQEHTAALTDRPAA
PDENLPPLLREALQIMDSDDGEQAFLHGLESLIRGFEVQLTALLQIV
;
_entity_poly.pdbx_strand_id   A
#
loop_
_chem_comp.id
_chem_comp.type
_chem_comp.name
_chem_comp.formula
CL non-polymer 'CHLORIDE ION' 'Cl -1'
MG non-polymer 'MAGNESIUM ION' 'Mg 2'
XTC non-polymer (4S,4aS,5aR,12aS)-4-(dimethylamino)-3,10,12,12a-tetrahydroxy-9-nitro-1,11-dioxo-1,4,4a,5,5a,6,11,12a-octahydrotetracene-2-carboxamide 'C21 H21 N3 O9'
#
# COMPACT_ATOMS: atom_id res chain seq x y z
N ALA A 1 7.67 16.96 -25.06
CA ALA A 1 8.11 16.21 -23.85
C ALA A 1 8.95 14.99 -24.28
N ARG A 2 9.93 14.63 -23.46
CA ARG A 2 10.72 13.43 -23.67
C ARG A 2 9.79 12.22 -23.41
N LEU A 3 9.99 11.13 -24.17
CA LEU A 3 9.13 9.95 -24.00
C LEU A 3 9.86 8.64 -23.65
N ASN A 4 10.81 8.67 -22.75
CA ASN A 4 11.35 7.43 -22.22
C ASN A 4 10.50 6.92 -21.05
N ARG A 5 10.86 5.75 -20.53
CA ARG A 5 10.15 5.13 -19.44
C ARG A 5 10.05 6.06 -18.24
N GLU A 6 11.18 6.63 -17.81
CA GLU A 6 11.18 7.49 -16.63
C GLU A 6 10.23 8.68 -16.78
N SER A 7 10.30 9.37 -17.92
CA SER A 7 9.44 10.52 -18.18
C SER A 7 7.94 10.22 -18.23
N VAL A 8 7.58 9.10 -18.83
CA VAL A 8 6.18 8.66 -18.93
C VAL A 8 5.60 8.37 -17.55
N ILE A 9 6.37 7.70 -16.72
CA ILE A 9 5.96 7.34 -15.37
C ILE A 9 5.75 8.62 -14.55
N ASP A 10 6.72 9.53 -14.66
CA ASP A 10 6.66 10.79 -13.93
C ASP A 10 5.37 11.54 -14.26
N ALA A 11 5.04 11.60 -15.54
CA ALA A 11 3.84 12.28 -16.01
C ALA A 11 2.56 11.52 -15.60
N ALA A 12 2.64 10.20 -15.57
CA ALA A 12 1.52 9.35 -15.17
C ALA A 12 1.16 9.47 -13.69
N LEU A 13 2.19 9.63 -12.85
CA LEU A 13 2.03 9.83 -11.41
C LEU A 13 1.45 11.21 -11.11
N GLU A 14 1.98 12.22 -11.72
CA GLU A 14 1.39 13.54 -11.62
C GLU A 14 -0.10 13.49 -11.98
N LEU A 15 -0.43 12.80 -13.08
CA LEU A 15 -1.81 12.67 -13.57
C LEU A 15 -2.68 11.94 -12.59
N LEU A 16 -2.14 10.89 -11.97
CA LEU A 16 -2.84 10.13 -10.94
C LEU A 16 -3.30 11.03 -9.76
N ASN A 17 -2.47 11.98 -9.36
CA ASN A 17 -2.83 12.91 -8.31
C ASN A 17 -3.95 13.84 -8.73
N GLU A 18 -3.86 14.39 -9.94
CA GLU A 18 -4.88 15.27 -10.51
C GLU A 18 -6.24 14.60 -10.67
N THR A 19 -6.28 13.43 -11.31
CA THR A 19 -7.57 12.78 -11.66
C THR A 19 -7.96 11.53 -10.85
N GLY A 20 -7.05 10.97 -10.07
CA GLY A 20 -7.26 9.63 -9.48
C GLY A 20 -7.17 8.47 -10.46
N ILE A 21 -7.26 7.26 -9.94
CA ILE A 21 -7.15 6.05 -10.75
C ILE A 21 -8.27 5.88 -11.78
N ASP A 22 -9.50 6.27 -11.45
CA ASP A 22 -10.62 6.08 -12.39
C ASP A 22 -10.44 6.96 -13.63
N GLY A 23 -9.99 8.21 -13.43
CA GLY A 23 -9.82 9.15 -14.54
C GLY A 23 -8.42 9.24 -15.10
N LEU A 24 -7.62 8.20 -14.90
CA LEU A 24 -6.32 8.13 -15.51
C LEU A 24 -6.46 7.34 -16.82
N THR A 25 -6.63 8.04 -17.95
CA THR A 25 -6.74 7.40 -19.26
C THR A 25 -5.51 7.62 -20.12
N THR A 26 -5.29 6.72 -21.08
CA THR A 26 -4.26 6.91 -22.13
C THR A 26 -4.44 8.22 -22.92
N ARG A 27 -5.68 8.59 -23.22
CA ARG A 27 -6.03 9.84 -23.93
C ARG A 27 -5.48 11.04 -23.18
N LYS A 28 -5.85 11.13 -21.90
CA LYS A 28 -5.39 12.23 -21.07
C LYS A 28 -3.88 12.20 -20.85
N LEU A 29 -3.29 11.03 -20.84
CA LEU A 29 -1.85 10.98 -20.71
C LEU A 29 -1.19 11.54 -21.98
N ALA A 30 -1.71 11.22 -23.17
CA ALA A 30 -1.20 11.80 -24.45
C ALA A 30 -1.34 13.35 -24.53
N GLN A 31 -2.50 13.86 -24.16
CA GLN A 31 -2.69 15.30 -23.99
C GLN A 31 -1.75 15.93 -22.96
N LYS A 32 -1.50 15.24 -21.85
CA LYS A 32 -0.59 15.77 -20.84
C LYS A 32 0.83 15.90 -21.38
N LEU A 33 1.26 14.91 -22.15
CA LEU A 33 2.61 14.90 -22.71
C LEU A 33 2.73 15.62 -24.04
N GLY A 34 1.64 16.24 -24.50
CA GLY A 34 1.61 16.96 -25.75
C GLY A 34 1.81 16.08 -26.97
N ILE A 35 1.26 14.88 -26.96
CA ILE A 35 1.44 14.02 -28.13
C ILE A 35 0.11 13.46 -28.59
N GLU A 36 0.09 13.02 -29.83
CA GLU A 36 -1.02 12.27 -30.40
C GLU A 36 -1.06 10.88 -29.76
N GLN A 37 -2.17 10.18 -29.90
CA GLN A 37 -2.34 8.90 -29.26
C GLN A 37 -1.57 7.76 -29.87
N PRO A 38 -1.48 7.70 -31.19
CA PRO A 38 -0.69 6.59 -31.69
C PRO A 38 0.78 6.70 -31.28
N THR A 39 1.24 7.90 -30.96
CA THR A 39 2.61 8.10 -30.47
C THR A 39 2.80 7.49 -29.07
N LEU A 40 1.83 7.72 -28.20
CA LEU A 40 1.85 7.13 -26.86
C LEU A 40 1.80 5.61 -26.92
N TYR A 41 0.95 5.09 -27.78
CA TYR A 41 0.78 3.64 -27.93
C TYR A 41 2.12 2.90 -28.20
N TRP A 42 2.99 3.51 -28.99
CA TRP A 42 4.34 2.99 -29.20
C TRP A 42 4.99 2.68 -27.90
N HIS A 43 4.78 3.56 -26.93
CA HIS A 43 5.47 3.52 -25.65
C HIS A 43 4.73 2.76 -24.61
N VAL A 44 3.43 2.93 -24.55
CA VAL A 44 2.59 2.34 -23.49
C VAL A 44 1.39 1.72 -24.15
N LYS A 45 1.13 0.45 -23.89
CA LYS A 45 0.19 -0.25 -24.74
C LYS A 45 -1.22 -0.08 -24.27
N ASN A 46 -1.42 -0.07 -22.95
CA ASN A 46 -2.75 0.02 -22.37
C ASN A 46 -2.69 0.47 -20.93
N LYS A 47 -3.87 0.61 -20.33
CA LYS A 47 -3.98 1.08 -18.98
C LYS A 47 -3.34 0.09 -17.99
N ARG A 48 -3.59 -1.21 -18.18
CA ARG A 48 -3.10 -2.22 -17.23
C ARG A 48 -1.57 -2.14 -17.08
N ALA A 49 -0.88 -2.09 -18.23
CA ALA A 49 0.58 -2.04 -18.26
C ALA A 49 1.09 -0.81 -17.53
N LEU A 50 0.44 0.33 -17.77
CA LEU A 50 0.70 1.55 -17.04
C LEU A 50 0.58 1.41 -15.54
N LEU A 51 -0.53 0.85 -15.10
CA LEU A 51 -0.80 0.69 -13.71
C LEU A 51 0.18 -0.26 -13.05
N ASP A 52 0.57 -1.33 -13.77
CA ASP A 52 1.47 -2.33 -13.19
C ASP A 52 2.80 -1.67 -12.93
N ALA A 53 3.20 -0.80 -13.85
CA ALA A 53 4.48 -0.12 -13.72
C ALA A 53 4.44 0.89 -12.57
N LEU A 54 3.33 1.63 -12.47
CA LEU A 54 3.16 2.58 -11.36
C LEU A 54 3.23 1.87 -10.04
N ALA A 55 2.60 0.73 -9.94
CA ALA A 55 2.61 -0.02 -8.69
C ALA A 55 4.02 -0.31 -8.24
N VAL A 56 4.88 -0.60 -9.21
CA VAL A 56 6.26 -0.99 -8.90
C VAL A 56 7.07 0.24 -8.58
N GLU A 57 6.90 1.30 -9.38
CA GLU A 57 7.61 2.59 -9.17
C GLU A 57 7.35 3.31 -7.83
N ILE A 58 6.09 3.37 -7.43
CA ILE A 58 5.75 3.94 -6.14
C ILE A 58 6.56 3.26 -5.01
N LEU A 59 6.59 1.94 -4.97
CA LEU A 59 7.40 1.26 -3.95
C LEU A 59 8.89 1.48 -4.11
N ALA A 60 9.38 1.45 -5.34
CA ALA A 60 10.80 1.64 -5.60
C ALA A 60 11.25 3.01 -5.10
N ARG A 61 10.43 4.03 -5.35
CA ARG A 61 10.79 5.40 -5.02
C ARG A 61 10.60 5.74 -3.54
N HIS A 62 9.52 5.27 -2.93
CA HIS A 62 9.19 5.71 -1.57
C HIS A 62 9.18 4.67 -0.47
N HIS A 63 9.28 3.38 -0.79
CA HIS A 63 9.25 2.33 0.24
C HIS A 63 10.67 2.00 0.57
N ASP A 64 11.19 2.58 1.64
CA ASP A 64 12.62 2.54 1.92
C ASP A 64 13.03 1.59 3.04
N TYR A 65 12.05 0.95 3.70
CA TYR A 65 12.37 -0.09 4.69
C TYR A 65 11.93 -1.45 4.22
N SER A 66 12.39 -1.82 3.03
CA SER A 66 12.04 -3.14 2.48
C SER A 66 12.94 -4.27 3.01
N LEU A 67 14.11 -3.93 3.56
CA LEU A 67 15.03 -4.94 4.10
C LEU A 67 15.29 -4.75 5.61
N PRO A 68 15.55 -5.87 6.32
CA PRO A 68 15.97 -5.79 7.72
C PRO A 68 17.35 -5.19 7.85
N ALA A 69 17.60 -4.50 8.96
CA ALA A 69 18.94 -4.02 9.26
C ALA A 69 19.72 -5.15 9.94
N ALA A 70 21.04 -4.98 10.01
CA ALA A 70 21.90 -5.96 10.62
C ALA A 70 21.45 -6.22 12.04
N GLY A 71 21.08 -7.46 12.35
CA GLY A 71 20.82 -7.87 13.72
C GLY A 71 19.47 -7.40 14.25
N GLU A 72 18.58 -7.02 13.34
CA GLU A 72 17.27 -6.51 13.69
C GLU A 72 16.37 -7.67 14.00
N SER A 73 15.56 -7.56 15.04
CA SER A 73 14.57 -8.61 15.36
C SER A 73 13.44 -8.68 14.31
N TRP A 74 12.83 -9.84 14.17
CA TRP A 74 11.70 -9.98 13.25
C TRP A 74 10.53 -9.13 13.62
N GLN A 75 10.30 -8.95 14.92
CA GLN A 75 9.28 -8.01 15.41
C GLN A 75 9.53 -6.64 14.85
N SER A 76 10.71 -6.12 15.09
CA SER A 76 11.04 -4.77 14.65
C SER A 76 10.91 -4.61 13.13
N PHE A 77 11.44 -5.56 12.39
CA PHE A 77 11.41 -5.46 10.93
C PHE A 77 9.99 -5.34 10.39
N LEU A 78 9.11 -6.18 10.91
CA LEU A 78 7.72 -6.18 10.49
C LEU A 78 7.04 -4.85 10.77
N ARG A 79 7.40 -4.24 11.91
CA ARG A 79 6.78 -3.00 12.33
C ARG A 79 7.21 -1.92 11.38
N ASN A 80 8.53 -1.81 11.19
CA ASN A 80 9.14 -0.77 10.37
C ASN A 80 8.71 -0.87 8.91
N ASN A 81 8.66 -2.10 8.44
CA ASN A 81 8.29 -2.41 7.08
C ASN A 81 6.84 -2.08 6.85
N ALA A 82 5.97 -2.41 7.81
CA ALA A 82 4.57 -2.01 7.71
C ALA A 82 4.44 -0.49 7.66
N MET A 83 5.15 0.22 8.53
CA MET A 83 5.09 1.66 8.52
C MET A 83 5.57 2.22 7.18
N SER A 84 6.66 1.69 6.65
CA SER A 84 7.16 2.15 5.35
C SER A 84 6.13 1.88 4.21
N PHE A 85 5.62 0.64 4.15
CA PHE A 85 4.62 0.30 3.17
C PHE A 85 3.45 1.28 3.22
N ARG A 86 2.99 1.60 4.42
CA ARG A 86 1.88 2.54 4.56
C ARG A 86 2.18 3.90 3.98
N ARG A 87 3.32 4.48 4.33
CA ARG A 87 3.64 5.81 3.82
C ARG A 87 3.59 5.85 2.30
N ALA A 88 4.23 4.86 1.69
CA ALA A 88 4.41 4.80 0.24
C ALA A 88 3.07 4.71 -0.51
N LEU A 89 2.16 3.92 0.02
CA LEU A 89 0.82 3.85 -0.51
C LEU A 89 0.09 5.19 -0.41
N LEU A 90 0.39 5.92 0.66
CA LEU A 90 -0.31 7.18 0.98
C LEU A 90 0.16 8.35 0.16
N ARG A 91 1.35 8.24 -0.42
CA ARG A 91 1.95 9.37 -1.09
C ARG A 91 1.21 9.78 -2.35
N TYR A 92 0.46 8.88 -2.98
CA TYR A 92 -0.36 9.25 -4.15
C TYR A 92 -1.86 8.96 -3.99
N ARG A 93 -2.70 9.82 -4.56
CA ARG A 93 -4.13 9.54 -4.64
C ARG A 93 -4.38 8.13 -5.19
N ASP A 94 -5.27 7.37 -4.56
CA ASP A 94 -5.58 6.01 -4.99
C ASP A 94 -4.33 5.12 -5.05
N GLY A 95 -3.31 5.42 -4.27
CA GLY A 95 -2.06 4.62 -4.31
C GLY A 95 -2.28 3.17 -3.93
N ALA A 96 -3.02 2.98 -2.84
CA ALA A 96 -3.38 1.65 -2.39
C ALA A 96 -4.17 0.89 -3.44
N LYS A 97 -5.08 1.57 -4.12
CA LYS A 97 -5.85 0.90 -5.19
C LYS A 97 -4.96 0.58 -6.39
N VAL A 98 -3.91 1.37 -6.62
CA VAL A 98 -2.96 1.02 -7.68
C VAL A 98 -2.21 -0.30 -7.34
N HIS A 99 -1.92 -0.54 -6.07
CA HIS A 99 -1.23 -1.73 -5.64
C HIS A 99 -2.05 -2.98 -5.79
N LEU A 100 -3.34 -2.85 -5.45
CA LEU A 100 -4.26 -3.99 -5.36
C LEU A 100 -4.22 -4.93 -6.55
N GLY A 101 -4.03 -6.22 -6.23
CA GLY A 101 -4.11 -7.27 -7.20
C GLY A 101 -2.76 -7.58 -7.82
N THR A 102 -1.75 -6.73 -7.55
CA THR A 102 -0.44 -6.97 -8.14
C THR A 102 0.28 -8.11 -7.37
N ARG A 103 1.27 -8.70 -8.02
CA ARG A 103 2.17 -9.66 -7.39
C ARG A 103 3.55 -9.10 -7.57
N PRO A 104 4.54 -9.59 -6.81
CA PRO A 104 5.92 -9.09 -6.97
C PRO A 104 6.40 -9.09 -8.43
N ASP A 105 6.95 -7.97 -8.84
CA ASP A 105 7.56 -7.81 -10.14
C ASP A 105 8.93 -8.50 -10.16
N GLU A 106 9.39 -8.86 -11.34
CA GLU A 106 10.79 -9.25 -11.53
C GLU A 106 11.77 -8.35 -10.77
N LYS A 107 11.58 -7.05 -10.84
CA LYS A 107 12.46 -6.07 -10.16
C LYS A 107 12.44 -6.24 -8.64
N GLN A 108 11.39 -6.87 -8.12
CA GLN A 108 11.25 -7.05 -6.67
C GLN A 108 11.57 -8.47 -6.19
N TYR A 109 11.87 -9.40 -7.10
CA TYR A 109 12.21 -10.77 -6.65
C TYR A 109 13.24 -10.90 -5.50
N ASP A 110 14.47 -10.41 -5.70
CA ASP A 110 15.54 -10.52 -4.67
C ASP A 110 15.13 -10.00 -3.30
N THR A 111 14.46 -8.85 -3.30
CA THR A 111 13.96 -8.20 -2.08
C THR A 111 12.93 -9.07 -1.32
N VAL A 112 11.89 -9.52 -2.03
CA VAL A 112 10.85 -10.32 -1.40
C VAL A 112 11.36 -11.72 -0.95
N GLU A 113 12.29 -12.30 -1.70
CA GLU A 113 12.89 -13.57 -1.34
C GLU A 113 13.64 -13.42 -0.01
N THR A 114 14.43 -12.36 0.10
CA THR A 114 15.22 -12.06 1.29
C THR A 114 14.29 -11.92 2.51
N GLN A 115 13.14 -11.29 2.34
CA GLN A 115 12.17 -11.20 3.44
C GLN A 115 11.69 -12.57 3.89
N LEU A 116 11.47 -13.46 2.94
CA LEU A 116 11.03 -14.82 3.29
C LEU A 116 12.14 -15.62 3.97
N ARG A 117 13.35 -15.52 3.43
CA ARG A 117 14.51 -16.20 4.02
C ARG A 117 14.72 -15.70 5.44
N PHE A 118 14.61 -14.38 5.61
CA PHE A 118 14.80 -13.76 6.89
C PHE A 118 13.84 -14.29 7.98
N MET A 119 12.55 -14.45 7.68
CA MET A 119 11.61 -15.02 8.67
C MET A 119 11.98 -16.46 9.01
N THR A 120 12.39 -17.25 8.02
CA THR A 120 12.64 -18.66 8.27
C THR A 120 13.88 -18.87 9.11
N GLU A 121 14.86 -17.98 8.91
CA GLU A 121 16.07 -17.95 9.74
C GLU A 121 15.77 -17.61 11.19
N ASN A 122 14.63 -16.98 11.44
CA ASN A 122 14.25 -16.65 12.80
C ASN A 122 13.31 -17.67 13.41
N GLY A 123 13.19 -18.85 12.79
CA GLY A 123 12.38 -19.95 13.35
C GLY A 123 10.96 -20.10 12.83
N PHE A 124 10.57 -19.30 11.85
CA PHE A 124 9.30 -19.53 11.15
C PHE A 124 9.48 -20.60 10.10
N SER A 125 8.48 -21.47 9.96
CA SER A 125 8.35 -22.25 8.72
C SER A 125 8.11 -21.26 7.57
N LEU A 126 8.42 -21.65 6.35
CA LEU A 126 8.13 -20.77 5.20
C LEU A 126 6.68 -20.32 5.31
N ARG A 127 5.81 -21.28 5.67
CA ARG A 127 4.38 -21.10 5.71
C ARG A 127 3.94 -20.07 6.69
N ASP A 128 4.39 -20.16 7.93
CA ASP A 128 4.00 -19.17 8.95
C ASP A 128 4.66 -17.87 8.67
N GLY A 129 5.89 -17.87 8.17
CA GLY A 129 6.55 -16.64 7.70
C GLY A 129 5.79 -15.87 6.60
N LEU A 130 5.32 -16.61 5.59
CA LEU A 130 4.39 -16.12 4.55
C LEU A 130 3.08 -15.52 5.14
N TYR A 131 2.46 -16.23 6.07
CA TYR A 131 1.22 -15.76 6.68
C TYR A 131 1.42 -14.49 7.50
N ALA A 132 2.53 -14.43 8.23
CA ALA A 132 2.82 -13.27 8.97
C ALA A 132 2.96 -12.13 7.97
N ILE A 133 3.82 -12.30 6.99
CA ILE A 133 4.02 -11.28 5.97
C ILE A 133 2.71 -10.85 5.31
N SER A 134 1.86 -11.82 4.98
CA SER A 134 0.63 -11.53 4.29
C SER A 134 -0.34 -10.78 5.17
N ALA A 135 -0.41 -11.15 6.46
CA ALA A 135 -1.36 -10.49 7.36
C ALA A 135 -0.98 -9.04 7.54
N VAL A 136 0.30 -8.75 7.70
CA VAL A 136 0.73 -7.37 7.79
C VAL A 136 0.34 -6.58 6.53
N SER A 137 0.55 -7.20 5.37
CA SER A 137 0.29 -6.53 4.11
C SER A 137 -1.18 -6.22 3.99
N HIS A 138 -2.02 -7.19 4.32
CA HIS A 138 -3.46 -7.02 4.17
C HIS A 138 -4.05 -6.06 5.13
N PHE A 139 -3.67 -6.19 6.40
CA PHE A 139 -4.05 -5.23 7.43
C PHE A 139 -3.73 -3.84 6.95
N THR A 140 -2.51 -3.66 6.44
CA THR A 140 -2.04 -2.34 6.05
C THR A 140 -2.75 -1.76 4.83
N LEU A 141 -2.90 -2.58 3.81
CA LEU A 141 -3.66 -2.19 2.62
C LEU A 141 -5.09 -1.78 2.96
N GLY A 142 -5.75 -2.58 3.81
CA GLY A 142 -7.16 -2.33 4.19
C GLY A 142 -7.33 -1.01 4.90
N ALA A 143 -6.43 -0.72 5.84
CA ALA A 143 -6.48 0.48 6.62
C ALA A 143 -6.37 1.71 5.72
N VAL A 144 -5.38 1.66 4.83
CA VAL A 144 -5.13 2.74 3.92
C VAL A 144 -6.28 2.90 2.94
N LEU A 145 -6.82 1.81 2.42
CA LEU A 145 -7.87 1.94 1.41
C LEU A 145 -9.12 2.61 1.97
N GLU A 146 -9.50 2.25 3.19
CA GLU A 146 -10.74 2.74 3.78
C GLU A 146 -10.63 4.23 3.93
N GLN A 147 -9.44 4.72 4.28
CA GLN A 147 -9.32 6.16 4.46
C GLN A 147 -9.13 6.90 3.12
N GLN A 148 -8.32 6.34 2.22
CA GLN A 148 -8.18 6.97 0.92
C GLN A 148 -9.53 7.09 0.22
N GLU A 149 -10.39 6.07 0.31
CA GLU A 149 -11.71 6.09 -0.37
C GLU A 149 -12.73 6.87 0.38
N HIS A 150 -12.66 6.84 1.71
CA HIS A 150 -13.57 7.61 2.53
C HIS A 150 -13.41 9.05 2.16
N THR A 151 -12.17 9.51 2.10
CA THR A 151 -11.90 10.92 1.76
C THR A 151 -12.26 11.26 0.29
N ALA A 152 -12.24 10.27 -0.60
CA ALA A 152 -12.61 10.45 -2.01
C ALA A 152 -14.11 10.62 -2.21
N ALA A 153 -14.88 9.71 -1.61
CA ALA A 153 -16.35 9.74 -1.69
C ALA A 153 -16.97 10.84 -0.81
N LEU A 154 -16.15 11.55 -0.04
CA LEU A 154 -16.60 12.68 0.77
C LEU A 154 -17.16 13.84 -0.08
N THR A 155 -16.79 13.86 -1.37
CA THR A 155 -17.32 14.85 -2.30
C THR A 155 -18.78 14.57 -2.66
N ASP A 156 -19.05 13.35 -3.15
CA ASP A 156 -20.35 12.99 -3.72
C ASP A 156 -21.40 12.73 -2.64
N ARG A 157 -21.03 11.92 -1.66
CA ARG A 157 -21.94 11.50 -0.60
C ARG A 157 -22.48 12.71 0.16
N PRO A 158 -23.75 12.63 0.63
CA PRO A 158 -24.30 13.70 1.47
C PRO A 158 -23.30 14.22 2.54
N ALA A 159 -23.02 13.41 3.55
CA ALA A 159 -22.12 13.76 4.66
C ALA A 159 -22.39 12.79 5.83
N ALA A 160 -23.32 13.15 6.70
CA ALA A 160 -23.70 12.34 7.87
C ALA A 160 -24.76 13.11 8.66
N PRO A 161 -25.86 12.43 9.05
CA PRO A 161 -26.87 13.07 9.92
C PRO A 161 -26.31 13.74 11.20
N ASP A 162 -25.52 13.00 11.98
CA ASP A 162 -24.96 13.44 13.28
C ASP A 162 -26.01 13.64 14.39
N GLU A 163 -27.22 14.04 14.02
CA GLU A 163 -28.30 14.25 14.98
C GLU A 163 -28.75 12.91 15.55
N ASN A 164 -29.41 12.10 14.72
CA ASN A 164 -29.93 10.80 15.17
C ASN A 164 -28.89 9.67 15.27
N LEU A 165 -27.62 10.02 15.48
CA LEU A 165 -26.58 9.03 15.80
C LEU A 165 -26.71 8.52 17.24
N PRO A 166 -26.55 7.19 17.46
CA PRO A 166 -26.39 6.69 18.83
C PRO A 166 -25.07 7.21 19.43
N PRO A 167 -24.96 7.24 20.78
CA PRO A 167 -23.87 7.97 21.46
C PRO A 167 -22.47 7.37 21.35
N LEU A 168 -22.35 6.06 21.41
CA LEU A 168 -21.02 5.42 21.25
C LEU A 168 -20.52 5.52 19.80
N LEU A 169 -21.42 5.24 18.87
CA LEU A 169 -21.12 5.38 17.44
C LEU A 169 -20.73 6.81 17.14
N ARG A 170 -21.47 7.80 17.68
CA ARG A 170 -21.13 9.22 17.48
C ARG A 170 -19.69 9.53 17.93
N GLU A 171 -19.36 9.10 19.14
CA GLU A 171 -18.03 9.33 19.63
C GLU A 171 -17.01 8.47 18.88
N ALA A 172 -17.40 7.28 18.43
CA ALA A 172 -16.51 6.46 17.60
C ALA A 172 -16.03 7.22 16.35
N LEU A 173 -16.96 7.84 15.64
CA LEU A 173 -16.69 8.54 14.39
C LEU A 173 -15.78 9.75 14.61
N GLN A 174 -16.01 10.48 15.69
CA GLN A 174 -15.14 11.58 16.11
C GLN A 174 -13.70 11.09 16.35
N ILE A 175 -13.58 9.88 16.90
CA ILE A 175 -12.27 9.30 17.17
C ILE A 175 -11.54 8.85 15.88
N MET A 176 -12.22 8.20 14.94
CA MET A 176 -11.57 7.75 13.68
C MET A 176 -11.17 8.92 12.79
N ASP A 177 -12.02 9.96 12.76
CA ASP A 177 -11.76 11.21 12.03
C ASP A 177 -10.76 12.15 12.73
N SER A 178 -10.30 11.81 13.94
CA SER A 178 -9.28 12.61 14.66
C SER A 178 -7.98 12.76 13.89
N ASP A 179 -7.53 11.66 13.27
CA ASP A 179 -6.23 11.61 12.60
C ASP A 179 -6.30 10.78 11.33
N ASP A 180 -5.14 10.52 10.72
CA ASP A 180 -5.10 9.67 9.55
C ASP A 180 -5.97 8.39 9.69
N GLY A 181 -6.16 7.93 10.92
CA GLY A 181 -6.34 6.49 11.15
C GLY A 181 -5.00 5.90 11.60
N GLU A 182 -3.99 6.77 11.77
CA GLU A 182 -2.65 6.35 12.18
C GLU A 182 -2.65 5.61 13.55
N GLN A 183 -3.16 6.27 14.56
CA GLN A 183 -3.27 5.67 15.89
C GLN A 183 -3.79 4.23 15.80
N ALA A 184 -4.97 4.06 15.21
CA ALA A 184 -5.66 2.79 15.11
C ALA A 184 -4.87 1.75 14.34
N PHE A 185 -4.13 2.23 13.36
CA PHE A 185 -3.26 1.38 12.58
C PHE A 185 -2.08 0.93 13.44
N LEU A 186 -1.44 1.84 14.15
CA LEU A 186 -0.24 1.49 14.93
C LEU A 186 -0.56 0.56 16.11
N HIS A 187 -1.70 0.79 16.75
CA HIS A 187 -2.19 -0.09 17.83
C HIS A 187 -2.60 -1.47 17.34
N GLY A 188 -3.21 -1.55 16.17
CA GLY A 188 -3.65 -2.81 15.61
C GLY A 188 -2.45 -3.58 15.10
N LEU A 189 -1.45 -2.83 14.60
CA LEU A 189 -0.17 -3.43 14.24
C LEU A 189 0.53 -4.13 15.42
N GLU A 190 0.51 -3.52 16.60
CA GLU A 190 1.16 -4.17 17.72
C GLU A 190 0.50 -5.43 18.16
N SER A 191 -0.83 -5.45 18.11
CA SER A 191 -1.60 -6.63 18.45
C SER A 191 -1.25 -7.79 17.52
N LEU A 192 -1.16 -7.48 16.24
CA LEU A 192 -0.82 -8.45 15.25
C LEU A 192 0.59 -9.04 15.48
N ILE A 193 1.58 -8.19 15.76
CA ILE A 193 2.93 -8.70 15.97
C ILE A 193 2.99 -9.62 17.20
N ARG A 194 2.37 -9.20 18.31
CA ARG A 194 2.46 -9.95 19.58
C ARG A 194 1.82 -11.30 19.41
N GLY A 195 0.76 -11.36 18.62
CA GLY A 195 0.05 -12.61 18.33
C GLY A 195 0.90 -13.57 17.53
N PHE A 196 1.66 -13.07 16.55
CA PHE A 196 2.66 -13.92 15.89
C PHE A 196 3.73 -14.41 16.84
N GLU A 197 4.14 -13.57 17.79
CA GLU A 197 5.15 -13.98 18.75
C GLU A 197 4.61 -15.07 19.66
N VAL A 198 3.36 -14.96 20.08
CA VAL A 198 2.79 -16.00 20.94
C VAL A 198 2.73 -17.32 20.17
N GLN A 199 2.36 -17.27 18.90
CA GLN A 199 2.29 -18.47 18.06
C GLN A 199 3.63 -19.13 17.87
N LEU A 200 4.64 -18.32 17.57
CA LEU A 200 5.98 -18.85 17.36
C LEU A 200 6.52 -19.47 18.64
N THR A 201 6.48 -18.71 19.73
CA THR A 201 7.00 -19.14 21.03
C THR A 201 6.48 -20.51 21.46
N ALA A 202 5.16 -20.68 21.36
CA ALA A 202 4.52 -21.86 21.92
C ALA A 202 5.02 -23.20 21.33
N LEU A 203 5.48 -23.20 20.08
CA LEU A 203 5.94 -24.41 19.38
C LEU A 203 4.81 -25.45 19.20
N LEU A 204 5.01 -26.65 19.76
CA LEU A 204 4.06 -27.74 19.74
C LEU A 204 3.17 -27.75 20.98
N GLN A 205 3.37 -26.77 21.86
CA GLN A 205 2.53 -26.66 23.06
C GLN A 205 1.12 -26.25 22.68
N ILE A 206 0.14 -26.68 23.46
CA ILE A 206 -1.21 -26.20 23.26
C ILE A 206 -1.29 -24.75 23.76
N VAL A 207 -1.79 -23.88 22.90
CA VAL A 207 -1.85 -22.47 23.21
C VAL A 207 -3.16 -21.84 22.71
O92 XTC B . 1.60 -15.00 -3.17
N9 XTC B . 1.36 -13.79 -3.07
O91 XTC B . 0.26 -13.39 -3.45
C9 XTC B . 2.33 -12.93 -2.52
C8 XTC B . 3.45 -13.52 -1.92
C7 XTC B . 4.45 -12.73 -1.36
C10 XTC B . 2.22 -11.53 -2.58
O10 XTC B . 1.13 -10.95 -3.19
C1A XTC B . 3.23 -10.74 -2.02
C61 XTC B . 4.33 -11.35 -1.41
C6 XTC B . 5.39 -10.50 -0.81
C11 XTC B . 3.16 -9.23 -2.05
O11 XTC B . 2.32 -8.70 -2.95
C1B XTC B . 3.93 -8.50 -1.21
C51 XTC B . 4.69 -9.29 -0.19
C5 XTC B . 5.79 -8.52 0.51
C12 XTC B . 3.99 -7.14 -1.25
O12 XTC B . 3.11 -6.41 -1.97
C1C XTC B . 4.97 -6.36 -0.39
O1C XTC B . 4.25 -5.16 -0.07
C1 XTC B . 6.27 -6.01 -1.07
O1 XTC B . 6.35 -6.30 -2.38
C41 XTC B . 5.30 -7.14 0.89
C4 XTC B . 6.39 -6.54 1.78
N4 XTC B . 5.93 -5.96 3.07
C43 XTC B . 5.56 -7.00 4.08
C42 XTC B . 4.83 -4.98 2.98
C3 XTC B . 7.17 -5.53 1.01
O3 XTC B . 7.76 -4.62 1.79
C2 XTC B . 7.28 -5.46 -0.34
C21 XTC B . 8.47 -4.77 -0.93
O21 XTC B . 9.30 -4.20 -0.24
N21 XTC B . 8.72 -4.73 -2.24
MG MG C . 1.42 -6.76 -3.00
CL CL D . 11.60 10.77 -26.77
CL CL E . 11.46 17.81 -23.98
#